data_5KNX
#
_entry.id   5KNX
#
_cell.length_a   85.380
_cell.length_b   85.380
_cell.length_c   167.475
_cell.angle_alpha   90.000
_cell.angle_beta   90.000
_cell.angle_gamma   120.000
#
_symmetry.space_group_name_H-M   'P 31 2 1'
#
loop_
_entity.id
_entity.type
_entity.pdbx_description
1 polymer 'Hypoxanthine-guanine phosphoribosyltransferase'
2 non-polymer '[2-[(6-oxidanylidene-1~{H}-purin-9-yl)methyl]-3-(phosphonomethoxy)propoxy]methylphosphonic acid'
3 non-polymer 'MAGNESIUM ION'
4 water water
#
_entity_poly.entity_id   1
_entity_poly.type   'polypeptide(L)'
_entity_poly.pdbx_seq_one_letter_code
;MVRDMKHTVEVMIPEAEIKARIAELGRQITERYKDSGSDMVLVGLLRGSFMFMADLCREVQVSHEVDFMTASSYGSGMST
TRDVKILKDLDEDIRGKDVLIVEDIIDSGNTLSKVREILSLREPKSLAICTLLDKPSRREVNVPVEFIGFSIPDEFVVGY
GIDYAQRYRHLPYIGKVILLDE
;
_entity_poly.pdbx_strand_id   A,B
#
loop_
_chem_comp.id
_chem_comp.type
_chem_comp.name
_chem_comp.formula
6WC non-polymer '[2-[(6-oxidanylidene-1~{H}-purin-9-yl)methyl]-3-(phosphonomethoxy)propoxy]methylphosphonic acid' 'C11 H18 N4 O9 P2'
MG non-polymer 'MAGNESIUM ION' 'Mg 2'
#
# COMPACT_ATOMS: atom_id res chain seq x y z
N MET A 5 16.32 23.17 -2.43
CA MET A 5 17.63 22.56 -2.63
C MET A 5 17.71 21.84 -3.97
N LYS A 6 18.48 22.41 -4.90
CA LYS A 6 18.65 21.82 -6.23
C LYS A 6 19.33 20.46 -6.16
N HIS A 7 18.81 19.49 -6.91
CA HIS A 7 19.29 18.12 -6.82
C HIS A 7 18.97 17.26 -8.03
N THR A 8 19.48 16.03 -8.01
CA THR A 8 19.17 15.01 -9.00
C THR A 8 19.13 13.65 -8.32
N VAL A 9 18.71 12.62 -9.04
CA VAL A 9 18.57 11.28 -8.45
C VAL A 9 19.23 10.19 -9.30
N GLU A 10 20.28 9.56 -8.75
CA GLU A 10 20.96 8.45 -9.40
C GLU A 10 20.54 7.11 -8.81
N VAL A 11 20.51 6.07 -9.64
CA VAL A 11 20.17 4.73 -9.16
C VAL A 11 21.23 4.23 -8.19
N MET A 12 20.80 3.70 -7.05
CA MET A 12 21.69 3.09 -6.09
C MET A 12 21.45 1.58 -6.06
N ILE A 13 20.20 1.19 -5.79
CA ILE A 13 19.82 -0.22 -5.84
C ILE A 13 18.77 -0.42 -6.94
N PRO A 14 19.20 -1.00 -8.07
CA PRO A 14 18.33 -1.19 -9.25
C PRO A 14 17.06 -1.97 -8.93
N GLU A 15 16.02 -1.72 -9.72
CA GLU A 15 14.74 -2.41 -9.58
C GLU A 15 14.90 -3.93 -9.57
N ALA A 16 15.79 -4.44 -10.41
CA ALA A 16 16.01 -5.88 -10.55
C ALA A 16 16.62 -6.50 -9.30
N GLU A 17 17.55 -5.77 -8.67
CA GLU A 17 18.17 -6.26 -7.44
CA GLU A 17 18.17 -6.26 -7.44
C GLU A 17 17.17 -6.24 -6.28
N ILE A 18 16.33 -5.22 -6.23
CA ILE A 18 15.27 -5.17 -5.22
C ILE A 18 14.33 -6.37 -5.36
N LYS A 19 13.96 -6.70 -6.60
CA LYS A 19 13.03 -7.80 -6.82
C LYS A 19 13.62 -9.12 -6.37
N ALA A 20 14.90 -9.32 -6.71
CA ALA A 20 15.61 -10.54 -6.34
C ALA A 20 15.73 -10.66 -4.83
N ARG A 21 16.10 -9.57 -4.18
CA ARG A 21 16.27 -9.56 -2.73
C ARG A 21 14.96 -9.85 -2.00
N ILE A 22 13.86 -9.33 -2.55
CA ILE A 22 12.55 -9.54 -1.96
C ILE A 22 12.08 -10.98 -2.08
N ALA A 23 12.35 -11.58 -3.25
CA ALA A 23 12.05 -12.99 -3.47
C ALA A 23 12.77 -13.85 -2.43
N GLU A 24 14.01 -13.52 -2.14
CA GLU A 24 14.77 -14.22 -1.10
C GLU A 24 14.13 -14.00 0.27
N LEU A 25 13.82 -12.73 0.58
CA LEU A 25 13.14 -12.40 1.83
C LEU A 25 11.85 -13.20 1.98
N GLY A 26 11.09 -13.31 0.89
CA GLY A 26 9.85 -14.06 0.90
C GLY A 26 10.06 -15.51 1.27
N ARG A 27 11.13 -16.10 0.75
CA ARG A 27 11.46 -17.49 1.07
C ARG A 27 11.85 -17.67 2.53
N GLN A 28 12.62 -16.72 3.08
CA GLN A 28 13.02 -16.79 4.48
C GLN A 28 11.81 -16.65 5.39
N ILE A 29 10.96 -15.68 5.08
CA ILE A 29 9.75 -15.43 5.87
C ILE A 29 8.83 -16.64 5.79
N THR A 30 8.65 -17.17 4.58
CA THR A 30 7.83 -18.35 4.37
C THR A 30 8.31 -19.52 5.22
N GLU A 31 9.62 -19.68 5.30
CA GLU A 31 10.21 -20.80 6.01
C GLU A 31 10.03 -20.70 7.53
N ARG A 32 10.12 -19.48 8.05
N ARG A 32 10.10 -19.48 8.06
CA ARG A 32 10.01 -19.28 9.50
CA ARG A 32 10.01 -19.27 9.50
C ARG A 32 8.60 -19.51 10.02
C ARG A 32 8.59 -19.49 10.02
N TYR A 33 7.60 -19.13 9.21
CA TYR A 33 6.21 -19.18 9.66
C TYR A 33 5.36 -20.27 9.01
N LYS A 34 5.97 -21.16 8.24
CA LYS A 34 5.20 -22.16 7.51
C LYS A 34 4.51 -23.17 8.43
N ASP A 35 5.18 -23.53 9.53
CA ASP A 35 4.65 -24.57 10.42
C ASP A 35 4.16 -24.01 11.74
N SER A 36 3.75 -22.76 11.73
CA SER A 36 3.26 -22.09 12.94
C SER A 36 1.85 -22.54 13.30
N GLY A 37 0.97 -22.58 12.32
CA GLY A 37 -0.39 -23.01 12.53
C GLY A 37 -1.34 -21.88 12.92
N SER A 38 -0.79 -20.85 13.57
CA SER A 38 -1.58 -19.68 13.97
C SER A 38 -1.79 -18.74 12.79
N ASP A 39 -2.78 -17.85 12.91
CA ASP A 39 -3.00 -16.83 11.90
C ASP A 39 -1.79 -15.92 11.78
N MET A 40 -1.51 -15.46 10.57
CA MET A 40 -0.39 -14.57 10.32
C MET A 40 -0.87 -13.26 9.74
N VAL A 41 -0.22 -12.16 10.10
CA VAL A 41 -0.56 -10.86 9.56
C VAL A 41 0.71 -10.04 9.31
N LEU A 42 0.79 -9.43 8.12
CA LEU A 42 1.85 -8.47 7.83
C LEU A 42 1.34 -7.05 8.09
N VAL A 43 2.08 -6.31 8.90
CA VAL A 43 1.66 -4.98 9.32
C VAL A 43 2.59 -3.91 8.78
N GLY A 44 2.06 -3.07 7.90
CA GLY A 44 2.87 -2.04 7.27
C GLY A 44 2.71 -0.68 7.91
N LEU A 45 3.82 0.04 8.05
CA LEU A 45 3.77 1.39 8.58
C LEU A 45 3.69 2.37 7.43
N LEU A 46 2.57 3.09 7.37
CA LEU A 46 2.32 4.04 6.29
C LEU A 46 2.99 5.37 6.57
N ARG A 47 3.36 6.11 5.53
CA ARG A 47 3.10 5.72 4.13
C ARG A 47 4.24 4.94 3.50
N GLY A 48 5.43 5.00 4.10
CA GLY A 48 6.64 4.51 3.47
C GLY A 48 6.64 3.08 2.98
N SER A 49 5.92 2.18 3.66
CA SER A 49 6.07 0.77 3.39
C SER A 49 5.04 0.17 2.41
N PHE A 50 4.24 1.01 1.76
CA PHE A 50 3.13 0.48 0.95
C PHE A 50 3.63 -0.31 -0.27
N MET A 51 4.68 0.17 -0.93
CA MET A 51 5.19 -0.52 -2.10
C MET A 51 5.94 -1.79 -1.72
N PHE A 52 6.78 -1.68 -0.70
CA PHE A 52 7.51 -2.83 -0.17
C PHE A 52 6.56 -3.92 0.27
N MET A 53 5.50 -3.52 0.96
CA MET A 53 4.46 -4.45 1.39
C MET A 53 3.83 -5.20 0.22
N ALA A 54 3.49 -4.46 -0.83
CA ALA A 54 2.82 -5.02 -2.00
C ALA A 54 3.63 -6.16 -2.63
N ASP A 55 4.91 -5.90 -2.86
CA ASP A 55 5.80 -6.89 -3.46
C ASP A 55 6.11 -8.02 -2.48
N LEU A 56 6.37 -7.68 -1.22
CA LEU A 56 6.77 -8.67 -0.24
C LEU A 56 5.68 -9.69 0.05
N CYS A 57 4.45 -9.24 0.21
CA CYS A 57 3.37 -10.16 0.57
C CYS A 57 3.06 -11.12 -0.58
N ARG A 58 3.37 -10.71 -1.81
CA ARG A 58 3.17 -11.56 -2.96
C ARG A 58 4.23 -12.66 -3.02
N GLU A 59 5.31 -12.50 -2.27
CA GLU A 59 6.36 -13.50 -2.21
C GLU A 59 6.30 -14.33 -0.94
N VAL A 60 5.34 -14.03 -0.07
CA VAL A 60 5.18 -14.84 1.13
C VAL A 60 4.15 -15.93 0.87
N GLN A 61 4.63 -17.16 0.78
CA GLN A 61 3.78 -18.27 0.40
C GLN A 61 3.14 -18.91 1.63
N VAL A 62 2.55 -18.07 2.46
CA VAL A 62 1.80 -18.49 3.63
C VAL A 62 0.53 -17.67 3.67
N SER A 63 -0.59 -18.30 3.98
CA SER A 63 -1.84 -17.57 4.13
C SER A 63 -1.70 -16.54 5.24
N HIS A 64 -1.85 -15.27 4.89
CA HIS A 64 -1.75 -14.21 5.87
C HIS A 64 -2.68 -13.05 5.56
N GLU A 65 -2.91 -12.22 6.58
CA GLU A 65 -3.66 -10.98 6.40
C GLU A 65 -2.69 -9.83 6.19
N VAL A 66 -3.17 -8.75 5.58
CA VAL A 66 -2.39 -7.53 5.44
C VAL A 66 -3.12 -6.37 6.12
N ASP A 67 -2.42 -5.64 6.96
CA ASP A 67 -3.00 -4.53 7.72
C ASP A 67 -2.00 -3.37 7.74
N PHE A 68 -2.44 -2.22 8.24
CA PHE A 68 -1.60 -1.02 8.24
C PHE A 68 -1.75 -0.16 9.50
N MET A 69 -0.69 0.58 9.80
CA MET A 69 -0.73 1.60 10.85
C MET A 69 -0.13 2.89 10.35
N THR A 70 -0.54 3.99 10.95
CA THR A 70 0.14 5.27 10.72
C THR A 70 0.55 5.86 12.06
N ALA A 71 1.85 5.93 12.28
CA ALA A 71 2.39 6.51 13.50
C ALA A 71 2.81 7.95 13.25
N SER A 72 2.79 8.75 14.30
CA SER A 72 3.15 10.15 14.23
C SER A 72 4.55 10.35 13.69
N SER A 73 4.66 11.18 12.65
CA SER A 73 5.94 11.52 12.06
C SER A 73 6.23 13.00 12.23
N TYR A 74 7.41 13.32 12.77
CA TYR A 74 7.78 14.70 13.03
C TYR A 74 9.06 15.09 12.28
N GLY A 75 9.75 14.09 11.75
CA GLY A 75 10.99 14.32 11.03
C GLY A 75 12.19 13.77 11.78
N SER A 76 13.35 14.37 11.55
CA SER A 76 14.59 13.92 12.16
C SER A 76 14.71 14.41 13.60
N THR A 81 11.97 13.67 19.62
CA THR A 81 11.85 13.94 21.05
C THR A 81 10.38 14.10 21.46
N ARG A 82 9.47 13.79 20.54
CA ARG A 82 8.04 13.84 20.83
C ARG A 82 7.48 12.43 20.99
N ASP A 83 6.29 12.32 21.57
CA ASP A 83 5.64 11.03 21.78
C ASP A 83 5.32 10.36 20.46
N VAL A 84 5.50 9.04 20.38
CA VAL A 84 5.02 8.29 19.24
C VAL A 84 3.53 8.06 19.43
N LYS A 85 2.73 8.62 18.53
CA LYS A 85 1.28 8.50 18.65
C LYS A 85 0.68 7.76 17.46
N ILE A 86 -0.47 7.15 17.69
CA ILE A 86 -1.17 6.39 16.65
C ILE A 86 -2.18 7.27 15.90
N LEU A 87 -1.84 7.62 14.66
CA LEU A 87 -2.75 8.40 13.82
C LEU A 87 -3.81 7.50 13.21
N LYS A 88 -3.43 6.25 12.97
CA LYS A 88 -4.37 5.24 12.47
C LYS A 88 -3.91 3.86 12.95
N ASP A 89 -4.73 3.21 13.77
CA ASP A 89 -4.41 1.91 14.31
C ASP A 89 -4.74 0.80 13.33
N LEU A 90 -4.39 -0.44 13.68
CA LEU A 90 -4.77 -1.61 12.89
C LEU A 90 -6.29 -1.69 12.76
N ASP A 91 -6.74 -2.31 11.67
CA ASP A 91 -8.17 -2.59 11.49
C ASP A 91 -8.53 -3.91 12.16
N GLU A 92 -7.55 -4.81 12.28
CA GLU A 92 -7.83 -6.15 12.80
C GLU A 92 -7.05 -6.47 14.08
N ASP A 93 -7.51 -7.49 14.80
CA ASP A 93 -6.83 -7.96 16.01
C ASP A 93 -5.57 -8.75 15.66
N ILE A 94 -4.61 -8.76 16.58
CA ILE A 94 -3.37 -9.50 16.38
C ILE A 94 -3.06 -10.44 17.54
N ARG A 95 -3.90 -10.43 18.57
CA ARG A 95 -3.70 -11.31 19.71
C ARG A 95 -3.65 -12.78 19.28
N GLY A 96 -2.57 -13.47 19.63
CA GLY A 96 -2.41 -14.87 19.30
C GLY A 96 -1.99 -15.14 17.87
N LYS A 97 -1.63 -14.09 17.15
CA LYS A 97 -1.23 -14.21 15.75
C LYS A 97 0.26 -13.96 15.58
N ASP A 98 0.83 -14.55 14.53
CA ASP A 98 2.19 -14.22 14.13
C ASP A 98 2.16 -12.89 13.40
N VAL A 99 2.90 -11.90 13.92
CA VAL A 99 2.87 -10.57 13.35
C VAL A 99 4.24 -10.17 12.84
N LEU A 100 4.27 -9.72 11.58
CA LEU A 100 5.49 -9.22 10.98
C LEU A 100 5.31 -7.76 10.61
N ILE A 101 6.04 -6.87 11.29
CA ILE A 101 6.00 -5.46 10.95
C ILE A 101 6.85 -5.23 9.72
N VAL A 102 6.25 -4.61 8.71
CA VAL A 102 6.95 -4.37 7.45
C VAL A 102 7.31 -2.89 7.33
N GLU A 103 8.62 -2.64 7.26
CA GLU A 103 9.17 -1.30 7.33
C GLU A 103 10.02 -1.02 6.09
N ASP A 104 10.14 0.25 5.71
CA ASP A 104 10.96 0.60 4.53
C ASP A 104 12.41 0.88 4.91
N ILE A 105 12.64 1.78 5.85
CA ILE A 105 13.98 2.05 6.37
C ILE A 105 13.98 1.96 7.88
N ILE A 106 14.97 1.29 8.45
CA ILE A 106 15.26 1.49 9.86
C ILE A 106 16.50 2.34 9.99
N ASP A 107 16.36 3.43 10.73
CA ASP A 107 17.42 4.40 10.89
C ASP A 107 17.76 4.56 12.35
N SER A 108 17.07 5.50 13.00
CA SER A 108 17.23 5.71 14.43
C SER A 108 16.53 4.59 15.18
N GLY A 109 15.46 4.07 14.59
CA GLY A 109 14.68 3.01 15.20
C GLY A 109 13.69 3.49 16.24
N ASN A 110 13.61 4.80 16.44
CA ASN A 110 12.77 5.37 17.50
C ASN A 110 11.29 4.99 17.37
N THR A 111 10.67 5.44 16.28
CA THR A 111 9.25 5.18 16.03
C THR A 111 8.94 3.68 16.03
N LEU A 112 9.76 2.89 15.34
CA LEU A 112 9.55 1.46 15.22
C LEU A 112 9.66 0.76 16.57
N SER A 113 10.59 1.22 17.40
CA SER A 113 10.76 0.69 18.74
C SER A 113 9.48 0.88 19.55
N LYS A 114 8.87 2.05 19.42
CA LYS A 114 7.64 2.34 20.16
C LYS A 114 6.44 1.60 19.57
N VAL A 115 6.40 1.50 18.25
CA VAL A 115 5.31 0.79 17.58
C VAL A 115 5.32 -0.68 18.01
N ARG A 116 6.50 -1.26 18.11
CA ARG A 116 6.63 -2.65 18.54
C ARG A 116 6.10 -2.82 19.98
N GLU A 117 6.48 -1.90 20.87
CA GLU A 117 6.00 -1.95 22.26
C GLU A 117 4.48 -1.92 22.33
N ILE A 118 3.89 -1.03 21.53
CA ILE A 118 2.44 -0.87 21.51
C ILE A 118 1.76 -2.15 21.05
N LEU A 119 2.27 -2.76 19.98
CA LEU A 119 1.69 -3.99 19.46
C LEU A 119 1.93 -5.16 20.41
N SER A 120 3.07 -5.13 21.09
CA SER A 120 3.43 -6.18 22.03
C SER A 120 2.42 -6.31 23.16
N LEU A 121 1.80 -5.19 23.54
CA LEU A 121 0.76 -5.18 24.58
C LEU A 121 -0.46 -6.03 24.21
N ARG A 122 -0.68 -6.24 22.91
CA ARG A 122 -1.86 -6.95 22.45
C ARG A 122 -1.63 -8.46 22.44
N GLU A 123 -0.44 -8.86 22.90
CA GLU A 123 -0.07 -10.27 23.04
C GLU A 123 -0.24 -11.08 21.75
N PRO A 124 0.51 -10.72 20.70
CA PRO A 124 0.53 -11.63 19.56
C PRO A 124 1.33 -12.88 19.92
N LYS A 125 1.16 -13.96 19.17
CA LYS A 125 1.96 -15.17 19.38
C LYS A 125 3.44 -14.86 19.21
N SER A 126 3.76 -14.14 18.14
CA SER A 126 5.13 -13.71 17.89
C SER A 126 5.12 -12.33 17.27
N LEU A 127 6.25 -11.64 17.36
CA LEU A 127 6.36 -10.28 16.85
C LEU A 127 7.75 -10.05 16.26
N ALA A 128 7.79 -9.77 14.97
CA ALA A 128 9.07 -9.60 14.29
C ALA A 128 9.03 -8.41 13.33
N ILE A 129 10.19 -8.03 12.83
CA ILE A 129 10.29 -6.88 11.94
C ILE A 129 11.03 -7.23 10.65
N CYS A 130 10.47 -6.84 9.52
CA CYS A 130 11.15 -6.93 8.24
C CYS A 130 11.31 -5.53 7.66
N THR A 131 12.54 -5.12 7.41
CA THR A 131 12.79 -3.82 6.80
C THR A 131 13.55 -3.99 5.48
N LEU A 132 13.23 -3.14 4.51
CA LEU A 132 13.90 -3.20 3.22
C LEU A 132 15.32 -2.66 3.35
N LEU A 133 15.44 -1.52 4.03
CA LEU A 133 16.72 -0.87 4.20
C LEU A 133 17.07 -0.71 5.67
N ASP A 134 18.35 -0.92 5.98
CA ASP A 134 18.83 -0.69 7.34
C ASP A 134 20.04 0.24 7.32
N LYS A 135 19.97 1.30 8.14
CA LYS A 135 21.11 2.19 8.37
C LYS A 135 21.60 2.05 9.81
N PRO A 136 22.51 1.08 10.05
CA PRO A 136 22.98 0.73 11.39
C PRO A 136 23.68 1.89 12.10
N SER A 137 24.29 2.77 11.32
CA SER A 137 25.05 3.89 11.87
C SER A 137 24.18 4.85 12.68
N ARG A 138 22.94 5.06 12.25
CA ARG A 138 22.14 6.12 12.84
C ARG A 138 21.28 5.59 14.01
N ARG A 139 21.49 4.34 14.41
CA ARG A 139 20.66 3.72 15.45
C ARG A 139 20.80 4.38 16.81
N GLU A 140 19.67 4.80 17.38
CA GLU A 140 19.64 5.43 18.69
C GLU A 140 19.06 4.48 19.75
N VAL A 141 18.10 3.67 19.32
CA VAL A 141 17.48 2.68 20.20
C VAL A 141 17.63 1.28 19.62
N ASN A 142 18.22 0.38 20.39
CA ASN A 142 18.41 -0.98 19.91
C ASN A 142 17.09 -1.74 19.83
N VAL A 143 16.68 -2.07 18.61
CA VAL A 143 15.46 -2.83 18.38
C VAL A 143 15.77 -4.02 17.49
N PRO A 144 15.30 -5.22 17.88
CA PRO A 144 15.54 -6.45 17.12
C PRO A 144 14.90 -6.42 15.73
N VAL A 145 15.68 -6.79 14.72
CA VAL A 145 15.20 -6.81 13.34
C VAL A 145 15.57 -8.11 12.66
N GLU A 146 14.58 -9.00 12.51
CA GLU A 146 14.82 -10.35 12.04
C GLU A 146 15.15 -10.43 10.55
N PHE A 147 14.51 -9.58 9.74
CA PHE A 147 14.71 -9.64 8.28
C PHE A 147 15.13 -8.30 7.72
N ILE A 148 16.22 -8.29 6.95
CA ILE A 148 16.76 -7.05 6.36
C ILE A 148 17.07 -7.24 4.89
N GLY A 149 16.54 -6.36 4.05
CA GLY A 149 16.78 -6.44 2.63
C GLY A 149 18.20 -6.03 2.28
N PHE A 150 18.56 -4.80 2.65
CA PHE A 150 19.89 -4.25 2.38
C PHE A 150 20.39 -3.46 3.59
N SER A 151 21.69 -3.55 3.87
CA SER A 151 22.32 -2.67 4.85
C SER A 151 23.13 -1.63 4.09
N ILE A 152 22.85 -0.36 4.33
CA ILE A 152 23.51 0.70 3.59
C ILE A 152 24.24 1.65 4.53
N PRO A 153 25.23 2.39 4.01
CA PRO A 153 25.84 3.44 4.83
C PRO A 153 24.87 4.60 5.06
N ASP A 154 25.32 5.64 5.75
CA ASP A 154 24.46 6.79 6.04
C ASP A 154 24.26 7.63 4.78
N GLU A 155 23.42 7.14 3.88
CA GLU A 155 23.13 7.83 2.62
C GLU A 155 21.69 8.30 2.59
N PHE A 156 21.44 9.45 1.99
CA PHE A 156 20.07 9.90 1.83
C PHE A 156 19.46 9.29 0.58
N VAL A 157 18.59 8.31 0.77
CA VAL A 157 18.01 7.57 -0.34
C VAL A 157 16.52 7.91 -0.55
N VAL A 158 16.05 7.72 -1.77
CA VAL A 158 14.65 7.91 -2.10
C VAL A 158 14.16 6.78 -2.98
N GLY A 159 12.86 6.77 -3.24
CA GLY A 159 12.28 5.78 -4.13
C GLY A 159 11.70 4.61 -3.39
N TYR A 160 10.94 3.78 -4.12
CA TYR A 160 10.34 2.58 -3.56
C TYR A 160 9.56 2.85 -2.27
N GLY A 161 8.81 3.95 -2.25
CA GLY A 161 7.99 4.30 -1.12
C GLY A 161 8.62 5.38 -0.28
N ILE A 162 9.95 5.47 -0.34
CA ILE A 162 10.70 6.47 0.41
C ILE A 162 10.70 7.80 -0.32
N ASP A 163 10.40 8.87 0.41
CA ASP A 163 10.22 10.19 -0.21
C ASP A 163 11.31 11.19 0.13
N TYR A 164 11.31 12.30 -0.62
CA TYR A 164 12.08 13.48 -0.26
C TYR A 164 11.18 14.69 -0.45
N ALA A 165 10.68 15.24 0.65
CA ALA A 165 9.68 16.29 0.63
C ALA A 165 8.48 15.82 -0.22
N GLN A 166 8.02 14.60 0.10
CA GLN A 166 6.86 13.96 -0.54
C GLN A 166 7.12 13.52 -1.98
N ARG A 167 8.34 13.70 -2.45
CA ARG A 167 8.69 13.39 -3.83
C ARG A 167 9.36 12.02 -3.96
N TYR A 168 9.19 11.39 -5.13
CA TYR A 168 9.92 10.18 -5.55
C TYR A 168 9.44 8.85 -4.96
N ARG A 169 8.29 8.83 -4.29
CA ARG A 169 7.79 7.58 -3.71
C ARG A 169 7.54 6.51 -4.76
N HIS A 170 7.25 6.96 -5.99
CA HIS A 170 6.80 6.06 -7.05
C HIS A 170 7.93 5.47 -7.89
N LEU A 171 9.17 5.83 -7.57
CA LEU A 171 10.32 5.26 -8.26
C LEU A 171 10.44 3.76 -7.95
N PRO A 172 10.69 2.95 -9.00
CA PRO A 172 10.78 1.49 -8.87
C PRO A 172 12.13 1.01 -8.36
N TYR A 173 13.03 1.95 -8.09
CA TYR A 173 14.35 1.62 -7.57
C TYR A 173 14.69 2.48 -6.34
N ILE A 174 15.70 2.06 -5.60
CA ILE A 174 16.26 2.92 -4.56
C ILE A 174 17.32 3.81 -5.18
N GLY A 175 17.19 5.11 -4.99
CA GLY A 175 18.10 6.05 -5.59
C GLY A 175 18.70 6.98 -4.56
N LYS A 176 19.80 7.63 -4.93
CA LYS A 176 20.45 8.59 -4.05
C LYS A 176 20.25 10.00 -4.57
N VAL A 177 19.92 10.92 -3.67
CA VAL A 177 19.74 12.32 -4.03
C VAL A 177 21.07 13.07 -4.00
N ILE A 178 21.46 13.63 -5.14
CA ILE A 178 22.72 14.35 -5.25
C ILE A 178 22.50 15.86 -5.23
N LEU A 179 22.89 16.51 -4.13
CA LEU A 179 22.74 17.96 -3.99
C LEU A 179 23.70 18.70 -4.92
N LEU A 180 23.20 19.74 -5.58
CA LEU A 180 23.97 20.41 -6.63
C LEU A 180 24.56 21.77 -6.21
N ASP A 181 25.89 21.82 -6.16
CA ASP A 181 26.65 23.06 -5.93
C ASP A 181 28.11 22.72 -6.18
N ASP B 4 -18.17 -17.39 6.45
CA ASP B 4 -17.27 -18.54 6.56
C ASP B 4 -17.92 -19.81 6.01
N MET B 5 -17.73 -20.06 4.72
CA MET B 5 -18.33 -21.22 4.06
C MET B 5 -17.35 -21.86 3.08
N LYS B 6 -17.46 -23.18 2.93
CA LYS B 6 -16.58 -23.96 2.06
C LYS B 6 -16.60 -23.45 0.62
N HIS B 7 -15.40 -23.26 0.06
CA HIS B 7 -15.27 -22.64 -1.25
C HIS B 7 -13.93 -22.99 -1.91
N THR B 8 -13.79 -22.60 -3.18
CA THR B 8 -12.52 -22.66 -3.89
C THR B 8 -12.29 -21.35 -4.62
N VAL B 9 -11.04 -21.09 -5.03
CA VAL B 9 -10.74 -19.88 -5.77
C VAL B 9 -10.25 -20.21 -7.17
N GLU B 10 -11.00 -19.77 -8.17
CA GLU B 10 -10.60 -19.94 -9.57
C GLU B 10 -10.03 -18.65 -10.12
N VAL B 11 -9.07 -18.75 -11.03
CA VAL B 11 -8.45 -17.58 -11.64
C VAL B 11 -9.42 -16.89 -12.59
N MET B 12 -9.49 -15.56 -12.51
CA MET B 12 -10.29 -14.79 -13.45
C MET B 12 -9.39 -13.93 -14.33
N ILE B 13 -8.46 -13.23 -13.69
CA ILE B 13 -7.46 -12.45 -14.41
C ILE B 13 -6.08 -12.83 -13.92
N PRO B 14 -5.35 -13.60 -14.74
CA PRO B 14 -3.98 -14.05 -14.41
C PRO B 14 -3.05 -12.88 -14.14
N GLU B 15 -2.00 -13.12 -13.36
CA GLU B 15 -1.03 -12.10 -12.97
C GLU B 15 -0.48 -11.32 -14.16
N ALA B 16 -0.17 -12.04 -15.25
CA ALA B 16 0.42 -11.41 -16.43
C ALA B 16 -0.54 -10.44 -17.12
N GLU B 17 -1.84 -10.74 -17.09
CA GLU B 17 -2.83 -9.88 -17.71
C GLU B 17 -3.01 -8.58 -16.92
N ILE B 18 -2.96 -8.69 -15.59
CA ILE B 18 -3.03 -7.52 -14.72
C ILE B 18 -1.84 -6.60 -14.97
N LYS B 19 -0.65 -7.20 -15.06
CA LYS B 19 0.56 -6.44 -15.30
C LYS B 19 0.48 -5.68 -16.61
N ALA B 20 0.00 -6.35 -17.65
CA ALA B 20 -0.11 -5.75 -18.97
C ALA B 20 -1.10 -4.60 -18.97
N ARG B 21 -2.26 -4.82 -18.37
CA ARG B 21 -3.31 -3.81 -18.35
C ARG B 21 -2.88 -2.56 -17.55
N ILE B 22 -2.20 -2.78 -16.43
CA ILE B 22 -1.73 -1.68 -15.60
C ILE B 22 -0.68 -0.84 -16.33
N ALA B 23 0.14 -1.50 -17.14
CA ALA B 23 1.08 -0.81 -18.01
C ALA B 23 0.35 0.16 -18.96
N GLU B 24 -0.73 -0.32 -19.56
CA GLU B 24 -1.56 0.53 -20.44
C GLU B 24 -2.21 1.66 -19.66
N LEU B 25 -2.83 1.35 -18.53
CA LEU B 25 -3.41 2.37 -17.65
C LEU B 25 -2.39 3.44 -17.32
N GLY B 26 -1.16 3.01 -17.05
CA GLY B 26 -0.07 3.92 -16.77
C GLY B 26 0.20 4.88 -17.92
N ARG B 27 0.27 4.35 -19.13
CA ARG B 27 0.47 5.17 -20.32
C ARG B 27 -0.64 6.21 -20.50
N GLN B 28 -1.89 5.77 -20.32
CA GLN B 28 -3.04 6.66 -20.46
C GLN B 28 -3.03 7.78 -19.42
N ILE B 29 -2.80 7.40 -18.16
CA ILE B 29 -2.74 8.36 -17.07
C ILE B 29 -1.60 9.34 -17.28
N THR B 30 -0.47 8.82 -17.76
CA THR B 30 0.68 9.66 -18.06
C THR B 30 0.35 10.67 -19.16
N GLU B 31 -0.30 10.19 -20.22
CA GLU B 31 -0.67 11.04 -21.35
C GLU B 31 -1.64 12.15 -20.92
N ARG B 32 -2.53 11.82 -19.98
CA ARG B 32 -3.52 12.79 -19.52
C ARG B 32 -2.92 13.91 -18.68
N TYR B 33 -1.94 13.59 -17.84
CA TYR B 33 -1.48 14.56 -16.84
C TYR B 33 -0.09 15.13 -17.08
N LYS B 34 0.54 14.74 -18.19
CA LYS B 34 1.93 15.12 -18.42
C LYS B 34 2.13 16.62 -18.62
N ASP B 35 1.10 17.32 -19.08
CA ASP B 35 1.23 18.74 -19.39
C ASP B 35 0.45 19.65 -18.45
N SER B 36 0.08 19.13 -17.28
CA SER B 36 -0.74 19.90 -16.36
C SER B 36 0.03 21.04 -15.72
N GLY B 37 1.27 20.78 -15.32
CA GLY B 37 2.08 21.81 -14.68
C GLY B 37 1.78 21.99 -13.20
N SER B 38 0.62 21.50 -12.76
CA SER B 38 0.28 21.50 -11.34
C SER B 38 0.74 20.21 -10.69
N ASP B 39 0.84 20.22 -9.36
CA ASP B 39 1.24 19.02 -8.62
C ASP B 39 0.20 17.92 -8.76
N MET B 40 0.67 16.68 -8.79
CA MET B 40 -0.23 15.54 -8.92
C MET B 40 -0.12 14.63 -7.72
N VAL B 41 -1.23 14.03 -7.31
CA VAL B 41 -1.22 13.06 -6.23
C VAL B 41 -2.16 11.91 -6.53
N LEU B 42 -1.69 10.68 -6.31
CA LEU B 42 -2.56 9.52 -6.39
C LEU B 42 -3.05 9.21 -4.99
N VAL B 43 -4.37 9.06 -4.85
CA VAL B 43 -4.96 8.82 -3.55
C VAL B 43 -5.59 7.43 -3.47
N GLY B 44 -5.03 6.57 -2.63
CA GLY B 44 -5.51 5.21 -2.49
C GLY B 44 -6.48 5.03 -1.35
N LEU B 45 -7.53 4.26 -1.59
CA LEU B 45 -8.48 3.91 -0.55
C LEU B 45 -8.06 2.60 0.09
N LEU B 46 -7.66 2.69 1.35
CA LEU B 46 -7.17 1.53 2.09
C LEU B 46 -8.33 0.72 2.66
N ARG B 47 -8.14 -0.59 2.81
CA ARG B 47 -6.88 -1.27 2.52
C ARG B 47 -6.77 -1.80 1.10
N GLY B 48 -7.92 -1.92 0.43
CA GLY B 48 -8.01 -2.66 -0.81
C GLY B 48 -7.08 -2.27 -1.94
N SER B 49 -6.70 -1.00 -2.01
CA SER B 49 -5.97 -0.53 -3.18
C SER B 49 -4.46 -0.42 -3.00
N PHE B 50 -3.91 -1.00 -1.93
CA PHE B 50 -2.48 -0.84 -1.65
C PHE B 50 -1.61 -1.52 -2.72
N MET B 51 -2.00 -2.71 -3.15
CA MET B 51 -1.22 -3.42 -4.17
C MET B 51 -1.35 -2.76 -5.54
N PHE B 52 -2.59 -2.43 -5.91
CA PHE B 52 -2.86 -1.74 -7.16
C PHE B 52 -2.09 -0.42 -7.19
N MET B 53 -2.08 0.32 -6.08
CA MET B 53 -1.38 1.59 -6.01
C MET B 53 0.13 1.44 -6.26
N ALA B 54 0.74 0.44 -5.63
CA ALA B 54 2.17 0.22 -5.75
C ALA B 54 2.56 -0.05 -7.19
N ASP B 55 1.80 -0.94 -7.85
CA ASP B 55 2.10 -1.29 -9.24
C ASP B 55 1.75 -0.15 -10.19
N LEU B 56 0.65 0.56 -9.92
CA LEU B 56 0.18 1.61 -10.83
C LEU B 56 1.10 2.82 -10.85
N CYS B 57 1.52 3.27 -9.67
CA CYS B 57 2.29 4.51 -9.59
C CYS B 57 3.67 4.34 -10.21
N ARG B 58 4.14 3.09 -10.26
CA ARG B 58 5.41 2.79 -10.93
C ARG B 58 5.27 2.86 -12.45
N GLU B 59 4.04 2.78 -12.95
CA GLU B 59 3.79 2.92 -14.38
C GLU B 59 3.34 4.33 -14.77
N VAL B 60 3.16 5.19 -13.77
CA VAL B 60 2.79 6.58 -14.05
C VAL B 60 4.06 7.43 -14.15
N GLN B 61 4.41 7.82 -15.37
CA GLN B 61 5.67 8.51 -15.63
C GLN B 61 5.53 10.01 -15.47
N VAL B 62 4.89 10.42 -14.37
CA VAL B 62 4.72 11.83 -14.06
C VAL B 62 5.10 12.01 -12.59
N SER B 63 5.84 13.06 -12.28
CA SER B 63 6.15 13.37 -10.90
C SER B 63 4.86 13.51 -10.12
N HIS B 64 4.66 12.65 -9.13
CA HIS B 64 3.47 12.75 -8.29
C HIS B 64 3.75 12.33 -6.86
N GLU B 65 2.81 12.66 -5.98
CA GLU B 65 2.86 12.23 -4.59
C GLU B 65 1.92 11.06 -4.40
N VAL B 66 2.20 10.21 -3.43
CA VAL B 66 1.31 9.11 -3.11
C VAL B 66 0.72 9.34 -1.72
N ASP B 67 -0.60 9.30 -1.62
CA ASP B 67 -1.29 9.50 -0.34
C ASP B 67 -2.37 8.45 -0.19
N PHE B 68 -2.89 8.33 1.03
CA PHE B 68 -3.85 7.28 1.33
C PHE B 68 -4.99 7.78 2.20
N MET B 69 -6.06 7.00 2.18
CA MET B 69 -7.28 7.38 2.87
C MET B 69 -8.03 6.13 3.25
N THR B 70 -8.55 6.10 4.47
CA THR B 70 -9.38 4.97 4.91
C THR B 70 -10.79 5.46 5.22
N ALA B 71 -11.76 4.98 4.45
CA ALA B 71 -13.16 5.32 4.65
C ALA B 71 -13.87 4.20 5.38
N SER B 72 -14.99 4.53 6.02
CA SER B 72 -15.75 3.57 6.82
C SER B 72 -16.18 2.38 5.97
N SER B 73 -15.97 1.18 6.50
CA SER B 73 -16.19 -0.04 5.74
C SER B 73 -17.60 -0.60 5.90
N TYR B 74 -17.86 -1.21 7.05
CA TYR B 74 -19.10 -1.94 7.33
C TYR B 74 -19.28 -3.11 6.37
N GLY B 75 -20.39 -3.82 6.51
CA GLY B 75 -20.68 -4.94 5.62
C GLY B 75 -21.19 -4.46 4.28
N SER B 76 -21.68 -5.40 3.47
CA SER B 76 -22.26 -5.05 2.18
C SER B 76 -23.71 -4.60 2.35
N GLY B 77 -24.29 -4.90 3.52
CA GLY B 77 -25.67 -4.58 3.82
C GLY B 77 -25.85 -3.34 4.68
N MET B 78 -24.86 -3.05 5.52
CA MET B 78 -24.92 -1.88 6.38
C MET B 78 -24.36 -0.64 5.68
N SER B 79 -23.48 -0.87 4.69
CA SER B 79 -22.91 0.22 3.90
C SER B 79 -23.97 0.93 3.06
N THR B 80 -25.14 0.31 2.96
CA THR B 80 -26.26 0.86 2.20
C THR B 80 -27.09 1.82 3.04
N THR B 81 -26.88 1.82 4.35
CA THR B 81 -27.72 2.59 5.26
C THR B 81 -26.94 3.42 6.27
N ARG B 82 -25.62 3.33 6.21
CA ARG B 82 -24.76 4.08 7.13
C ARG B 82 -24.02 5.20 6.43
N ASP B 83 -23.69 6.24 7.18
CA ASP B 83 -22.90 7.35 6.68
C ASP B 83 -21.50 6.88 6.30
N VAL B 84 -20.90 7.50 5.29
CA VAL B 84 -19.51 7.26 4.98
C VAL B 84 -18.62 8.18 5.81
N LYS B 85 -17.82 7.60 6.69
CA LYS B 85 -16.98 8.39 7.60
C LYS B 85 -15.49 8.26 7.28
N ILE B 86 -14.71 9.25 7.72
CA ILE B 86 -13.28 9.22 7.51
C ILE B 86 -12.56 8.62 8.70
N LEU B 87 -12.04 7.40 8.53
CA LEU B 87 -11.31 6.74 9.60
C LEU B 87 -9.87 7.25 9.64
N LYS B 88 -9.36 7.61 8.48
CA LYS B 88 -8.04 8.23 8.37
C LYS B 88 -8.03 9.12 7.13
N ASP B 89 -7.85 10.42 7.34
CA ASP B 89 -7.85 11.35 6.23
C ASP B 89 -6.48 11.36 5.58
N LEU B 90 -6.35 12.10 4.48
CA LEU B 90 -5.07 12.26 3.80
C LEU B 90 -4.04 12.88 4.73
N ASP B 91 -2.76 12.66 4.42
CA ASP B 91 -1.68 13.28 5.17
C ASP B 91 -1.35 14.65 4.59
N GLU B 92 -1.72 14.86 3.32
CA GLU B 92 -1.33 16.07 2.61
C GLU B 92 -2.52 16.81 2.00
N ASP B 93 -2.30 18.07 1.63
CA ASP B 93 -3.31 18.88 0.96
C ASP B 93 -3.46 18.50 -0.50
N ILE B 94 -4.64 18.74 -1.06
CA ILE B 94 -4.88 18.46 -2.47
C ILE B 94 -5.42 19.67 -3.21
N ARG B 95 -5.63 20.77 -2.49
CA ARG B 95 -6.11 22.00 -3.10
C ARG B 95 -5.19 22.44 -4.23
N GLY B 96 -5.75 22.63 -5.42
CA GLY B 96 -4.99 23.06 -6.58
C GLY B 96 -4.15 21.98 -7.22
N LYS B 97 -4.35 20.74 -6.80
CA LYS B 97 -3.56 19.63 -7.34
C LYS B 97 -4.42 18.72 -8.21
N ASP B 98 -3.79 18.06 -9.18
CA ASP B 98 -4.46 16.99 -9.91
C ASP B 98 -4.54 15.76 -9.04
N VAL B 99 -5.74 15.31 -8.75
CA VAL B 99 -5.93 14.17 -7.86
C VAL B 99 -6.53 13.00 -8.61
N LEU B 100 -5.89 11.85 -8.48
CA LEU B 100 -6.41 10.62 -9.05
C LEU B 100 -6.69 9.62 -7.93
N ILE B 101 -7.96 9.32 -7.74
CA ILE B 101 -8.37 8.36 -6.72
C ILE B 101 -8.16 6.95 -7.24
N VAL B 102 -7.38 6.17 -6.50
CA VAL B 102 -7.04 4.82 -6.91
C VAL B 102 -7.83 3.78 -6.13
N GLU B 103 -8.72 3.09 -6.84
CA GLU B 103 -9.64 2.14 -6.22
C GLU B 103 -9.36 0.73 -6.73
N ASP B 104 -9.62 -0.27 -5.90
CA ASP B 104 -9.42 -1.65 -6.34
C ASP B 104 -10.62 -2.15 -7.14
N ILE B 105 -11.82 -2.02 -6.58
CA ILE B 105 -13.01 -2.48 -7.28
C ILE B 105 -14.22 -1.60 -6.99
N ILE B 106 -14.94 -1.25 -8.05
CA ILE B 106 -16.22 -0.55 -7.89
C ILE B 106 -17.38 -1.52 -8.07
N ASP B 107 -18.03 -1.85 -6.96
CA ASP B 107 -19.23 -2.68 -6.97
C ASP B 107 -20.43 -1.76 -7.05
N SER B 108 -21.02 -1.45 -5.90
CA SER B 108 -22.14 -0.52 -5.84
C SER B 108 -21.67 0.91 -6.13
N GLY B 109 -20.47 1.25 -5.64
CA GLY B 109 -19.91 2.57 -5.83
C GLY B 109 -20.42 3.61 -4.84
N ASN B 110 -21.09 3.16 -3.78
CA ASN B 110 -21.60 4.05 -2.75
C ASN B 110 -20.51 4.83 -2.04
N THR B 111 -19.63 4.08 -1.37
CA THR B 111 -18.55 4.65 -0.57
C THR B 111 -17.65 5.56 -1.41
N LEU B 112 -17.27 5.08 -2.59
CA LEU B 112 -16.41 5.85 -3.48
C LEU B 112 -17.07 7.17 -3.89
N SER B 113 -18.38 7.10 -4.12
CA SER B 113 -19.16 8.28 -4.50
C SER B 113 -19.07 9.38 -3.44
N LYS B 114 -19.22 8.98 -2.18
CA LYS B 114 -19.15 9.92 -1.06
C LYS B 114 -17.74 10.46 -0.87
N VAL B 115 -16.75 9.62 -1.08
CA VAL B 115 -15.36 10.01 -0.92
C VAL B 115 -14.99 11.08 -1.94
N ARG B 116 -15.47 10.91 -3.18
CA ARG B 116 -15.22 11.90 -4.21
C ARG B 116 -15.82 13.24 -3.81
N GLU B 117 -17.04 13.21 -3.30
CA GLU B 117 -17.70 14.42 -2.82
C GLU B 117 -16.88 15.14 -1.75
N ILE B 118 -16.38 14.36 -0.79
CA ILE B 118 -15.60 14.94 0.31
C ILE B 118 -14.33 15.62 -0.21
N LEU B 119 -13.60 14.95 -1.09
CA LEU B 119 -12.34 15.48 -1.62
C LEU B 119 -12.59 16.69 -2.51
N SER B 120 -13.73 16.70 -3.19
CA SER B 120 -14.08 17.80 -4.07
C SER B 120 -14.22 19.13 -3.31
N LEU B 121 -14.66 19.04 -2.06
CA LEU B 121 -14.80 20.23 -1.21
C LEU B 121 -13.47 20.93 -0.98
N ARG B 122 -12.37 20.20 -1.19
CA ARG B 122 -11.05 20.75 -0.94
C ARG B 122 -10.50 21.45 -2.19
N GLU B 123 -11.34 21.48 -3.23
CA GLU B 123 -11.05 22.21 -4.46
C GLU B 123 -9.70 21.85 -5.10
N PRO B 124 -9.51 20.57 -5.45
CA PRO B 124 -8.33 20.25 -6.25
C PRO B 124 -8.47 20.84 -7.64
N LYS B 125 -7.37 20.98 -8.38
CA LYS B 125 -7.44 21.45 -9.77
C LYS B 125 -8.31 20.50 -10.59
N SER B 126 -8.12 19.21 -10.38
CA SER B 126 -8.92 18.20 -11.04
C SER B 126 -9.07 16.98 -10.15
N LEU B 127 -10.13 16.22 -10.37
CA LEU B 127 -10.42 15.06 -9.55
C LEU B 127 -10.96 13.95 -10.43
N ALA B 128 -10.22 12.84 -10.51
CA ALA B 128 -10.63 11.70 -11.32
C ALA B 128 -10.48 10.41 -10.55
N ILE B 129 -11.06 9.34 -11.08
CA ILE B 129 -11.00 8.03 -10.43
C ILE B 129 -10.39 7.00 -11.36
N CYS B 130 -9.49 6.18 -10.81
CA CYS B 130 -8.98 5.02 -11.53
C CYS B 130 -9.22 3.77 -10.70
N THR B 131 -10.01 2.84 -11.25
CA THR B 131 -10.29 1.58 -10.57
C THR B 131 -9.73 0.42 -11.37
N LEU B 132 -9.23 -0.59 -10.69
CA LEU B 132 -8.70 -1.77 -11.38
C LEU B 132 -9.85 -2.55 -11.96
N LEU B 133 -10.87 -2.75 -11.14
CA LEU B 133 -12.02 -3.55 -11.52
C LEU B 133 -13.31 -2.74 -11.41
N ASP B 134 -14.18 -2.92 -12.40
CA ASP B 134 -15.52 -2.36 -12.35
C ASP B 134 -16.52 -3.47 -12.57
N LYS B 135 -17.50 -3.56 -11.67
CA LYS B 135 -18.58 -4.53 -11.77
C LYS B 135 -19.90 -3.79 -11.96
N PRO B 136 -20.18 -3.36 -13.20
CA PRO B 136 -21.29 -2.44 -13.50
C PRO B 136 -22.67 -3.07 -13.32
N SER B 137 -22.73 -4.40 -13.34
CA SER B 137 -23.99 -5.10 -13.09
C SER B 137 -24.47 -4.89 -11.66
N ARG B 138 -23.57 -4.41 -10.81
CA ARG B 138 -23.85 -4.26 -9.38
C ARG B 138 -23.88 -2.80 -8.99
N ARG B 139 -23.75 -1.92 -9.98
CA ARG B 139 -23.71 -0.48 -9.74
C ARG B 139 -25.05 0.04 -9.19
N GLU B 140 -24.98 0.73 -8.06
CA GLU B 140 -26.19 1.32 -7.46
C GLU B 140 -26.22 2.83 -7.66
N VAL B 141 -25.04 3.46 -7.62
CA VAL B 141 -24.94 4.91 -7.74
C VAL B 141 -24.16 5.31 -8.98
N ASN B 142 -24.68 6.29 -9.73
CA ASN B 142 -23.98 6.83 -10.87
C ASN B 142 -22.79 7.67 -10.43
N VAL B 143 -21.59 7.24 -10.80
CA VAL B 143 -20.37 7.90 -10.39
C VAL B 143 -19.38 7.95 -11.55
N PRO B 144 -18.79 9.13 -11.80
CA PRO B 144 -17.83 9.31 -12.90
C PRO B 144 -16.55 8.50 -12.67
N VAL B 145 -16.24 7.61 -13.61
CA VAL B 145 -15.03 6.80 -13.52
C VAL B 145 -14.22 6.93 -14.80
N GLU B 146 -13.08 7.63 -14.69
CA GLU B 146 -12.29 7.99 -15.86
C GLU B 146 -11.39 6.87 -16.40
N PHE B 147 -10.94 5.98 -15.51
CA PHE B 147 -10.06 4.88 -15.92
C PHE B 147 -10.54 3.56 -15.31
N ILE B 148 -10.65 2.54 -16.15
CA ILE B 148 -11.06 1.22 -15.70
C ILE B 148 -10.12 0.17 -16.28
N GLY B 149 -9.57 -0.68 -15.41
CA GLY B 149 -8.70 -1.74 -15.86
C GLY B 149 -9.50 -2.83 -16.52
N PHE B 150 -10.50 -3.34 -15.80
CA PHE B 150 -11.37 -4.39 -16.30
C PHE B 150 -12.81 -4.17 -15.87
N SER B 151 -13.74 -4.34 -16.81
CA SER B 151 -15.15 -4.50 -16.47
C SER B 151 -15.38 -5.99 -16.33
N ILE B 152 -15.88 -6.42 -15.17
CA ILE B 152 -15.90 -7.85 -14.85
C ILE B 152 -17.32 -8.38 -14.64
N PRO B 153 -17.50 -9.70 -14.78
CA PRO B 153 -18.78 -10.35 -14.49
C PRO B 153 -19.24 -10.16 -13.06
N ASP B 154 -20.48 -10.57 -12.79
CA ASP B 154 -21.04 -10.51 -11.46
C ASP B 154 -20.49 -11.65 -10.60
N GLU B 155 -19.21 -11.55 -10.25
CA GLU B 155 -18.51 -12.55 -9.46
C GLU B 155 -17.93 -11.93 -8.19
N PHE B 156 -17.83 -12.71 -7.13
CA PHE B 156 -17.13 -12.25 -5.94
C PHE B 156 -15.64 -12.50 -6.13
N VAL B 157 -14.88 -11.43 -6.32
CA VAL B 157 -13.47 -11.56 -6.65
C VAL B 157 -12.58 -11.37 -5.43
N VAL B 158 -11.40 -11.99 -5.48
CA VAL B 158 -10.40 -11.86 -4.42
C VAL B 158 -9.02 -11.71 -5.01
N GLY B 159 -8.06 -11.39 -4.16
CA GLY B 159 -6.67 -11.27 -4.59
C GLY B 159 -6.33 -9.85 -4.97
N TYR B 160 -5.03 -9.60 -5.11
CA TYR B 160 -4.53 -8.30 -5.54
C TYR B 160 -5.05 -7.18 -4.66
N GLY B 161 -4.98 -7.40 -3.35
CA GLY B 161 -5.45 -6.42 -2.38
C GLY B 161 -6.86 -6.71 -1.91
N ILE B 162 -7.66 -7.30 -2.78
CA ILE B 162 -9.06 -7.56 -2.48
C ILE B 162 -9.19 -8.83 -1.65
N ASP B 163 -10.08 -8.81 -0.67
CA ASP B 163 -10.15 -9.88 0.32
C ASP B 163 -11.48 -10.61 0.36
N TYR B 164 -11.47 -11.76 1.02
CA TYR B 164 -12.69 -12.47 1.38
C TYR B 164 -12.62 -12.79 2.86
N ALA B 165 -13.29 -11.97 3.66
CA ALA B 165 -13.17 -12.03 5.12
C ALA B 165 -11.70 -11.96 5.53
N GLN B 166 -11.02 -10.92 5.05
CA GLN B 166 -9.60 -10.63 5.36
C GLN B 166 -8.62 -11.61 4.71
N ARG B 167 -9.14 -12.51 3.88
CA ARG B 167 -8.30 -13.54 3.28
C ARG B 167 -7.99 -13.24 1.80
N TYR B 168 -6.84 -13.70 1.33
CA TYR B 168 -6.41 -13.68 -0.09
C TYR B 168 -5.88 -12.35 -0.63
N ARG B 169 -5.62 -11.37 0.23
CA ARG B 169 -5.15 -10.07 -0.28
C ARG B 169 -3.81 -10.15 -1.00
N HIS B 170 -2.99 -11.14 -0.64
CA HIS B 170 -1.62 -11.21 -1.13
C HIS B 170 -1.49 -11.96 -2.46
N LEU B 171 -2.60 -12.47 -2.96
CA LEU B 171 -2.61 -13.15 -4.25
C LEU B 171 -2.20 -12.18 -5.35
N PRO B 172 -1.31 -12.62 -6.25
CA PRO B 172 -0.81 -11.79 -7.35
C PRO B 172 -1.75 -11.76 -8.54
N TYR B 173 -2.85 -12.49 -8.46
CA TYR B 173 -3.84 -12.52 -9.52
C TYR B 173 -5.22 -12.20 -8.97
N ILE B 174 -6.18 -11.91 -9.85
CA ILE B 174 -7.56 -11.78 -9.45
C ILE B 174 -8.25 -13.13 -9.57
N GLY B 175 -8.79 -13.63 -8.46
CA GLY B 175 -9.52 -14.88 -8.45
C GLY B 175 -10.99 -14.68 -8.13
N LYS B 176 -11.78 -15.73 -8.29
CA LYS B 176 -13.20 -15.67 -7.92
C LYS B 176 -13.54 -16.80 -6.96
N VAL B 177 -14.34 -16.46 -5.94
CA VAL B 177 -14.77 -17.44 -4.95
C VAL B 177 -15.90 -18.32 -5.49
N ILE B 178 -15.71 -19.62 -5.44
CA ILE B 178 -16.71 -20.58 -5.90
C ILE B 178 -17.23 -21.43 -4.74
N LEU B 179 -18.49 -21.23 -4.37
CA LEU B 179 -19.07 -21.98 -3.26
C LEU B 179 -19.48 -23.39 -3.68
C4 6WC C . 14.66 9.23 5.66
C5 6WC C . 15.88 8.74 5.21
C6 6WC C . 16.14 8.71 3.86
C8 6WC C . 15.81 8.63 7.46
N1 6WC C . 15.20 9.18 2.97
N3 6WC C . 13.74 9.68 4.80
OAD 6WC C . 7.68 9.56 6.18
PAY 6WC C . 7.76 9.48 7.70
OAE 6WC C . 6.44 8.98 8.25
OAB 6WC C . 8.06 10.87 8.25
CAL 6WC C . 9.11 8.34 8.19
OAR 6WC C . 10.35 9.04 8.08
CAJ 6WC C . 11.40 8.27 7.51
CAW 6WC C . 12.66 8.49 8.38
CAK 6WC C . 13.32 7.14 8.78
OAS 6WC C . 12.77 6.76 10.07
CAM 6WC C . 13.72 6.71 11.12
PAZ 6WC C . 13.41 5.19 12.09
OAF 6WC C . 14.71 4.51 12.42
OAG 6WC C . 12.54 4.24 11.28
OAC 6WC C . 12.68 5.55 13.37
CAN 6WC C . 13.58 9.56 7.83
N9 6WC C . 14.68 9.12 6.99
C2 6WC C . 13.96 9.67 3.42
O6 6WC C . 17.38 8.22 3.39
N7 6WC C . 16.61 8.35 6.39
MG MG D . 9.24 3.85 7.68
C4 6WC E . -16.42 -6.93 -2.43
C5 6WC E . -16.74 -7.45 -3.68
C6 6WC E . -15.97 -8.47 -4.20
C8 6WC E . -18.21 -5.82 -3.15
N1 6WC E . -14.89 -8.96 -3.49
N3 6WC E . -15.39 -7.39 -1.73
OAD 6WC E . -17.69 -0.13 -4.57
PAY 6WC E . -18.34 -0.42 -3.23
OAE 6WC E . -19.31 -1.58 -3.38
OAB 6WC E . -19.10 0.83 -2.79
CAL 6WC E . -17.08 -0.81 -1.94
OAR 6WC E . -16.17 -1.83 -2.41
CAJ 6WC E . -16.73 -3.14 -2.47
CAW 6WC E . -16.67 -3.81 -1.07
CAK 6WC E . -15.20 -3.82 -0.61
OAS 6WC E . -15.13 -3.68 0.83
CAM 6WC E . -14.52 -4.79 1.44
PAZ 6WC E . -14.74 -4.75 3.27
OAF 6WC E . -13.58 -5.49 3.91
OAG 6WC E . -16.03 -5.48 3.64
OAC 6WC E . -14.79 -3.33 3.76
CAN 6WC E . -17.32 -5.19 -0.96
N9 6WC E . -17.32 -5.99 -2.20
C2 6WC E . -14.58 -8.41 -2.23
O6 6WC E . -16.28 -9.02 -5.48
N7 6WC E . -17.89 -6.73 -4.14
MG MG F . -11.77 -1.44 -1.06
MG MG G . -14.80 -7.57 3.09
#